data_4ORR
#
_entry.id   4ORR
#
_cell.length_a   60.777
_cell.length_b   60.777
_cell.length_c   178.766
_cell.angle_alpha   90.00
_cell.angle_beta   90.00
_cell.angle_gamma   120.00
#
_symmetry.space_group_name_H-M   'P 61 2 2'
#
loop_
_entity.id
_entity.type
_entity.pdbx_description
1 polymer 'Prostaglandin-H2 D-isomerase'
2 non-polymer 3,6,9,12,15,18,21,24,27,30,33,36,39-TRIDECAOXAHENTETRACONTANE-1,41-DIOL
3 non-polymer 'SULFATE ION'
4 water water
#
_entity_poly.entity_id   1
_entity_poly.type   'polypeptide(L)'
_entity_poly.pdbx_seq_one_letter_code
;MATHHTLWMGLALLGVLGDLQAAPEAQVSVQPNFQQDKFLGRWFSAGLASNSSWLREKKAALSMAKSVVAPATDGGLNLT
STFLRKNQCETRTMLLQPAGSLGSYSYRSPHWGSTYSVSVVETDYDQYALLYSQGSKGPGEDFRMATLYSRTQTPRAELK
EKFTAFCKAQGFTEDTIVFLPQTDKCMTEQ
;
_entity_poly.pdbx_strand_id   A
#
loop_
_chem_comp.id
_chem_comp.type
_chem_comp.name
_chem_comp.formula
PE3 non-polymer 3,6,9,12,15,18,21,24,27,30,33,36,39-TRIDECAOXAHENTETRACONTANE-1,41-DIOL 'C28 H58 O15'
SO4 non-polymer 'SULFATE ION' 'O4 S -2'
#
# COMPACT_ATOMS: atom_id res chain seq x y z
N VAL A 28 -15.73 0.79 1.45
CA VAL A 28 -14.76 0.16 2.34
C VAL A 28 -14.76 0.88 3.69
N SER A 29 -14.42 0.13 4.74
CA SER A 29 -14.36 0.67 6.09
C SER A 29 -12.95 1.19 6.40
N VAL A 30 -12.87 2.18 7.30
CA VAL A 30 -11.58 2.67 7.75
C VAL A 30 -11.37 2.26 9.20
N GLN A 31 -10.12 1.95 9.56
CA GLN A 31 -9.77 1.57 10.92
C GLN A 31 -10.34 2.54 11.94
N PRO A 32 -11.25 2.06 12.81
CA PRO A 32 -11.81 2.91 13.86
C PRO A 32 -10.75 3.43 14.81
N ASN A 33 -10.90 4.65 15.28
CA ASN A 33 -9.96 5.25 16.23
C ASN A 33 -8.52 5.20 15.71
N PHE A 34 -8.35 5.49 14.43
CA PHE A 34 -7.04 5.40 13.80
C PHE A 34 -6.04 6.36 14.44
N GLN A 35 -4.87 5.82 14.78
CA GLN A 35 -3.84 6.59 15.44
C GLN A 35 -2.60 6.67 14.55
N GLN A 36 -2.46 7.80 13.87
CA GLN A 36 -1.41 7.95 12.87
C GLN A 36 -0.01 7.78 13.45
N ASP A 37 0.21 8.25 14.68
CA ASP A 37 1.55 8.17 15.24
C ASP A 37 2.02 6.73 15.42
N LYS A 38 1.10 5.80 15.68
CA LYS A 38 1.45 4.39 15.82
C LYS A 38 1.63 3.70 14.46
N PHE A 39 1.21 4.37 13.41
CA PHE A 39 1.29 3.84 12.05
C PHE A 39 2.60 4.23 11.36
N LEU A 40 3.35 5.12 11.99
CA LEU A 40 4.62 5.59 11.45
C LEU A 40 5.68 4.50 11.44
N GLY A 41 6.71 4.70 10.63
CA GLY A 41 7.89 3.85 10.67
C GLY A 41 8.06 2.94 9.47
N ARG A 42 8.79 1.85 9.69
CA ARG A 42 9.15 0.94 8.61
C ARG A 42 8.10 -0.15 8.42
N TRP A 43 7.65 -0.30 7.18
CA TRP A 43 6.72 -1.33 6.79
C TRP A 43 7.30 -2.09 5.60
N PHE A 44 6.79 -3.30 5.37
CA PHE A 44 7.18 -4.05 4.18
C PHE A 44 5.95 -4.32 3.32
N SER A 45 6.07 -4.02 2.04
CA SER A 45 5.00 -4.29 1.08
CA SER A 45 5.00 -4.29 1.08
C SER A 45 4.97 -5.77 0.74
N ALA A 46 4.15 -6.52 1.45
CA ALA A 46 4.16 -7.98 1.34
C ALA A 46 3.14 -8.56 0.36
N GLY A 47 2.00 -7.90 0.24
CA GLY A 47 0.93 -8.43 -0.61
C GLY A 47 0.28 -7.34 -1.44
N LEU A 48 -0.23 -7.73 -2.60
CA LEU A 48 -0.84 -6.82 -3.54
C LEU A 48 -2.03 -7.47 -4.23
N ALA A 49 -3.12 -6.72 -4.39
CA ALA A 49 -4.20 -7.11 -5.29
C ALA A 49 -4.60 -5.89 -6.08
N SER A 50 -4.66 -6.05 -7.40
CA SER A 50 -4.99 -4.95 -8.29
C SER A 50 -5.82 -5.48 -9.45
N ASN A 51 -6.77 -4.69 -9.93
CA ASN A 51 -7.53 -5.07 -11.11
C ASN A 51 -6.93 -4.50 -12.39
N SER A 52 -5.67 -4.06 -12.31
CA SER A 52 -4.96 -3.53 -13.47
C SER A 52 -3.82 -4.45 -13.87
N SER A 53 -3.93 -5.05 -15.05
CA SER A 53 -2.85 -5.88 -15.59
C SER A 53 -1.56 -5.07 -15.72
N TRP A 54 -1.68 -3.87 -16.28
CA TRP A 54 -0.53 -2.99 -16.47
C TRP A 54 0.20 -2.73 -15.15
N LEU A 55 -0.56 -2.44 -14.10
CA LEU A 55 0.04 -2.12 -12.80
C LEU A 55 0.65 -3.35 -12.15
N ARG A 56 -0.09 -4.46 -12.15
CA ARG A 56 0.41 -5.72 -11.60
C ARG A 56 1.74 -6.12 -12.23
N GLU A 57 1.81 -6.00 -13.56
CA GLU A 57 3.02 -6.35 -14.29
C GLU A 57 4.18 -5.43 -13.93
N LYS A 58 3.90 -4.14 -13.79
CA LYS A 58 4.94 -3.19 -13.40
C LYS A 58 5.50 -3.53 -12.02
N LYS A 59 4.62 -3.83 -11.07
CA LYS A 59 5.04 -4.16 -9.72
C LYS A 59 5.83 -5.45 -9.66
N ALA A 60 5.43 -6.42 -10.47
CA ALA A 60 6.05 -7.75 -10.44
C ALA A 60 7.48 -7.73 -10.97
N ALA A 61 7.79 -6.74 -11.81
CA ALA A 61 9.12 -6.64 -12.38
C ALA A 61 10.11 -6.02 -11.40
N LEU A 62 9.62 -5.67 -10.22
CA LEU A 62 10.46 -5.08 -9.18
C LEU A 62 10.53 -6.00 -7.97
N SER A 63 11.53 -5.75 -7.12
CA SER A 63 11.62 -6.42 -5.83
C SER A 63 11.51 -5.37 -4.74
N MET A 64 10.57 -5.56 -3.83
CA MET A 64 10.31 -4.56 -2.80
C MET A 64 11.28 -4.68 -1.63
N ALA A 65 11.82 -3.54 -1.19
CA ALA A 65 12.78 -3.52 -0.10
C ALA A 65 12.12 -3.15 1.23
N LYS A 66 11.80 -1.87 1.38
CA LYS A 66 11.09 -1.39 2.57
C LYS A 66 10.29 -0.15 2.22
N SER A 67 9.31 0.16 3.06
CA SER A 67 8.56 1.40 2.96
C SER A 67 8.68 2.16 4.29
N VAL A 68 8.69 3.47 4.21
CA VAL A 68 8.71 4.29 5.43
C VAL A 68 7.54 5.25 5.41
N VAL A 69 6.79 5.24 6.51
CA VAL A 69 5.66 6.14 6.69
C VAL A 69 6.03 7.25 7.67
N ALA A 70 5.87 8.50 7.25
CA ALA A 70 6.22 9.65 8.08
C ALA A 70 5.17 10.74 7.91
N PRO A 71 4.97 11.57 8.96
CA PRO A 71 3.98 12.64 8.87
C PRO A 71 4.37 13.68 7.82
N ALA A 72 3.37 14.26 7.17
CA ALA A 72 3.60 15.32 6.19
C ALA A 72 3.05 16.62 6.76
N THR A 73 3.42 17.75 6.15
CA THR A 73 3.08 19.04 6.73
C THR A 73 1.57 19.29 6.71
N ASP A 74 0.87 18.77 5.70
CA ASP A 74 -0.56 18.99 5.60
C ASP A 74 -1.38 18.17 6.60
N GLY A 75 -0.72 17.42 7.47
CA GLY A 75 -1.40 16.57 8.43
C GLY A 75 -1.57 15.17 7.88
N GLY A 76 -1.00 14.96 6.70
CA GLY A 76 -1.07 13.67 6.03
C GLY A 76 0.20 12.86 6.20
N LEU A 77 0.47 12.01 5.21
CA LEU A 77 1.61 11.10 5.29
C LEU A 77 2.48 11.15 4.04
N ASN A 78 3.79 11.04 4.25
CA ASN A 78 4.71 10.73 3.16
C ASN A 78 5.02 9.23 3.19
N LEU A 79 4.72 8.56 2.09
CA LEU A 79 5.01 7.13 1.96
C LEU A 79 6.19 6.96 1.02
N THR A 80 7.33 6.57 1.56
CA THR A 80 8.54 6.41 0.77
C THR A 80 8.83 4.93 0.53
N SER A 81 8.75 4.53 -0.73
CA SER A 81 8.94 3.12 -1.11
C SER A 81 10.32 2.90 -1.72
N THR A 82 11.04 1.94 -1.17
CA THR A 82 12.33 1.57 -1.71
C THR A 82 12.23 0.21 -2.38
N PHE A 83 12.81 0.08 -3.55
CA PHE A 83 12.69 -1.16 -4.32
C PHE A 83 13.86 -1.34 -5.26
N LEU A 84 14.02 -2.56 -5.73
CA LEU A 84 15.09 -2.91 -6.64
C LEU A 84 14.54 -3.00 -8.05
N ARG A 85 15.04 -2.15 -8.95
CA ARG A 85 14.70 -2.25 -10.35
C ARG A 85 15.95 -2.49 -11.17
N LYS A 86 16.03 -3.67 -11.79
CA LYS A 86 17.13 -3.98 -12.70
C LYS A 86 18.45 -3.91 -11.92
N ASN A 87 18.46 -4.52 -10.73
CA ASN A 87 19.62 -4.56 -9.82
C ASN A 87 20.08 -3.20 -9.26
N GLN A 88 19.26 -2.18 -9.42
CA GLN A 88 19.55 -0.86 -8.88
C GLN A 88 18.49 -0.43 -7.88
N CYS A 89 18.94 0.03 -6.71
CA CYS A 89 18.03 0.54 -5.70
C CYS A 89 17.40 1.84 -6.14
N GLU A 90 16.10 1.96 -5.95
CA GLU A 90 15.36 3.16 -6.30
C GLU A 90 14.38 3.52 -5.20
N THR A 91 14.02 4.80 -5.14
CA THR A 91 13.04 5.25 -4.16
C THR A 91 11.98 6.15 -4.80
N ARG A 92 10.76 6.01 -4.32
CA ARG A 92 9.64 6.85 -4.73
C ARG A 92 8.94 7.36 -3.49
N THR A 93 8.56 8.63 -3.49
CA THR A 93 7.80 9.18 -2.37
C THR A 93 6.44 9.68 -2.82
N MET A 94 5.41 9.25 -2.10
CA MET A 94 4.04 9.66 -2.40
C MET A 94 3.46 10.45 -1.25
N LEU A 95 2.90 11.62 -1.55
CA LEU A 95 2.22 12.43 -0.55
C LEU A 95 0.77 11.99 -0.42
N LEU A 96 0.43 11.44 0.74
CA LEU A 96 -0.95 11.08 1.03
C LEU A 96 -1.59 12.20 1.84
N GLN A 97 -2.38 13.03 1.15
CA GLN A 97 -3.00 14.19 1.77
C GLN A 97 -4.20 13.76 2.62
N PRO A 98 -4.44 14.46 3.73
CA PRO A 98 -5.59 14.12 4.58
C PRO A 98 -6.90 14.26 3.80
N ALA A 99 -7.84 13.34 4.00
CA ALA A 99 -9.10 13.38 3.26
C ALA A 99 -10.31 13.70 4.15
N GLY A 100 -10.06 14.27 5.32
CA GLY A 100 -11.16 14.78 6.14
C GLY A 100 -11.60 13.87 7.26
N SER A 101 -11.04 12.66 7.30
CA SER A 101 -11.25 11.77 8.43
C SER A 101 -10.02 10.90 8.63
N LEU A 102 -9.75 10.56 9.88
CA LEU A 102 -8.53 9.85 10.25
C LEU A 102 -8.47 8.49 9.59
N GLY A 103 -7.32 8.17 9.00
CA GLY A 103 -7.12 6.91 8.31
C GLY A 103 -7.48 6.98 6.84
N SER A 104 -8.05 8.11 6.42
CA SER A 104 -8.45 8.32 5.02
C SER A 104 -7.58 9.39 4.37
N TYR A 105 -7.05 9.08 3.19
CA TYR A 105 -6.14 9.99 2.50
C TYR A 105 -6.49 10.12 1.03
N SER A 106 -5.88 11.10 0.38
CA SER A 106 -6.07 11.31 -1.04
C SER A 106 -4.71 11.41 -1.72
N TYR A 107 -4.57 10.75 -2.86
CA TYR A 107 -3.31 10.82 -3.60
C TYR A 107 -3.55 11.25 -5.05
N ARG A 108 -2.87 12.30 -5.51
CA ARG A 108 -2.95 12.68 -6.92
C ARG A 108 -1.67 12.24 -7.62
N SER A 109 -1.81 11.47 -8.69
CA SER A 109 -0.66 10.96 -9.41
C SER A 109 -0.09 12.03 -10.35
N PRO A 110 1.16 12.44 -10.08
CA PRO A 110 1.88 13.41 -10.90
C PRO A 110 2.09 12.97 -12.36
N HIS A 111 2.64 11.77 -12.62
CA HIS A 111 2.71 11.20 -13.98
C HIS A 111 1.39 10.89 -14.67
N TRP A 112 0.58 10.09 -13.99
CA TRP A 112 -0.38 9.29 -14.69
C TRP A 112 -1.74 9.93 -14.60
N GLY A 113 -1.82 10.95 -13.75
CA GLY A 113 -3.06 11.67 -13.56
C GLY A 113 -4.02 10.89 -12.68
N SER A 114 -5.22 11.44 -12.52
CA SER A 114 -6.27 10.90 -11.65
C SER A 114 -5.95 11.07 -10.17
N THR A 115 -7.00 11.03 -9.36
CA THR A 115 -6.88 11.14 -7.92
C THR A 115 -7.44 9.87 -7.28
N TYR A 116 -6.83 9.44 -6.19
CA TYR A 116 -7.20 8.20 -5.53
C TYR A 116 -7.52 8.39 -4.06
N SER A 117 -8.60 7.75 -3.61
CA SER A 117 -8.90 7.61 -2.20
C SER A 117 -8.06 6.48 -1.63
N VAL A 118 -7.36 6.74 -0.53
CA VAL A 118 -6.51 5.74 0.10
C VAL A 118 -6.92 5.56 1.56
N SER A 119 -7.24 4.33 1.94
CA SER A 119 -7.77 4.06 3.28
C SER A 119 -6.95 3.02 4.01
N VAL A 120 -6.62 3.29 5.27
CA VAL A 120 -6.12 2.25 6.15
C VAL A 120 -7.35 1.52 6.69
N VAL A 121 -7.67 0.37 6.10
CA VAL A 121 -8.90 -0.33 6.41
C VAL A 121 -8.83 -1.00 7.77
N GLU A 122 -7.69 -1.62 8.05
CA GLU A 122 -7.49 -2.33 9.31
C GLU A 122 -6.01 -2.40 9.63
N THR A 123 -5.66 -2.19 10.89
CA THR A 123 -4.28 -2.33 11.32
C THR A 123 -4.20 -2.58 12.82
N ASP A 124 -3.20 -3.34 13.24
CA ASP A 124 -2.90 -3.48 14.66
C ASP A 124 -1.60 -2.73 15.00
N TYR A 125 -1.12 -1.96 14.03
CA TYR A 125 0.02 -1.05 14.15
C TYR A 125 1.39 -1.73 14.27
N ASP A 126 1.48 -2.82 15.02
CA ASP A 126 2.80 -3.43 15.24
C ASP A 126 3.02 -4.76 14.51
N GLN A 127 2.04 -5.19 13.71
CA GLN A 127 2.22 -6.39 12.89
C GLN A 127 1.84 -6.18 11.42
N TYR A 128 0.66 -5.65 11.18
CA TYR A 128 0.13 -5.55 9.82
C TYR A 128 -0.74 -4.33 9.60
N ALA A 129 -0.92 -4.00 8.33
CA ALA A 129 -1.89 -3.00 7.91
C ALA A 129 -2.46 -3.40 6.57
N LEU A 130 -3.77 -3.24 6.43
CA LEU A 130 -4.45 -3.49 5.16
C LEU A 130 -4.87 -2.15 4.59
N LEU A 131 -4.35 -1.83 3.41
CA LEU A 131 -4.71 -0.59 2.75
C LEU A 131 -5.59 -0.87 1.54
N TYR A 132 -6.46 0.07 1.22
CA TYR A 132 -7.28 -0.04 0.03
C TYR A 132 -7.34 1.30 -0.67
N SER A 133 -7.13 1.30 -1.98
CA SER A 133 -7.28 2.50 -2.77
C SER A 133 -8.18 2.28 -3.98
N GLN A 134 -8.85 3.33 -4.39
CA GLN A 134 -9.60 3.34 -5.63
C GLN A 134 -9.69 4.77 -6.12
N GLY A 135 -9.76 4.94 -7.44
CA GLY A 135 -9.82 6.28 -8.00
C GLY A 135 -11.04 7.04 -7.55
N SER A 136 -10.88 8.33 -7.31
CA SER A 136 -11.97 9.19 -6.90
C SER A 136 -12.24 10.27 -7.95
N LYS A 137 -11.32 10.41 -8.89
CA LYS A 137 -11.42 11.40 -9.96
C LYS A 137 -10.61 10.92 -11.15
N GLY A 138 -11.15 11.09 -12.36
CA GLY A 138 -10.46 10.68 -13.57
C GLY A 138 -10.64 9.19 -13.85
N PRO A 139 -10.05 8.70 -14.94
CA PRO A 139 -10.19 7.29 -15.32
C PRO A 139 -9.53 6.33 -14.31
N GLY A 140 -8.79 6.88 -13.36
CA GLY A 140 -8.25 6.10 -12.26
C GLY A 140 -9.36 5.49 -11.41
N GLU A 141 -10.58 5.98 -11.58
CA GLU A 141 -11.74 5.42 -10.90
C GLU A 141 -11.92 3.94 -11.21
N ASP A 142 -11.45 3.52 -12.38
CA ASP A 142 -11.47 2.11 -12.77
C ASP A 142 -10.55 1.24 -11.91
N PHE A 143 -9.53 1.88 -11.33
CA PHE A 143 -8.42 1.17 -10.70
C PHE A 143 -8.62 1.00 -9.19
N ARG A 144 -8.62 -0.26 -8.75
CA ARG A 144 -8.74 -0.59 -7.33
C ARG A 144 -7.52 -1.40 -6.90
N MET A 145 -7.07 -1.20 -5.66
CA MET A 145 -5.87 -1.86 -5.19
C MET A 145 -5.90 -2.11 -3.69
N ALA A 146 -5.56 -3.33 -3.28
CA ALA A 146 -5.41 -3.66 -1.87
C ALA A 146 -3.94 -3.98 -1.61
N THR A 147 -3.44 -3.52 -0.46
CA THR A 147 -2.05 -3.74 -0.12
C THR A 147 -1.92 -4.30 1.29
N LEU A 148 -1.08 -5.33 1.44
CA LEU A 148 -0.72 -5.84 2.75
C LEU A 148 0.62 -5.30 3.16
N TYR A 149 0.63 -4.52 4.24
CA TYR A 149 1.89 -4.09 4.84
C TYR A 149 2.15 -4.92 6.09
N SER A 150 3.41 -5.29 6.29
CA SER A 150 3.81 -6.06 7.45
C SER A 150 5.02 -5.41 8.11
N ARG A 151 5.11 -5.51 9.43
CA ARG A 151 6.27 -4.96 10.12
C ARG A 151 7.49 -5.87 9.96
N THR A 152 7.24 -7.12 9.60
CA THR A 152 8.31 -8.06 9.25
C THR A 152 8.24 -8.36 7.76
N GLN A 153 9.39 -8.46 7.11
CA GLN A 153 9.42 -8.57 5.64
C GLN A 153 8.76 -9.86 5.14
N THR A 154 8.86 -10.93 5.92
CA THR A 154 8.17 -12.17 5.60
C THR A 154 6.99 -12.37 6.55
N PRO A 155 5.77 -12.06 6.08
CA PRO A 155 4.59 -12.12 6.94
C PRO A 155 4.20 -13.55 7.31
N ARG A 156 3.64 -13.71 8.51
CA ARG A 156 3.08 -14.98 8.94
C ARG A 156 2.00 -15.49 7.99
N ALA A 157 1.79 -16.81 7.98
CA ALA A 157 0.78 -17.41 7.12
C ALA A 157 -0.61 -16.87 7.47
N GLU A 158 -0.82 -16.55 8.74
CA GLU A 158 -2.11 -16.02 9.17
C GLU A 158 -2.35 -14.62 8.59
N LEU A 159 -1.29 -13.86 8.39
CA LEU A 159 -1.38 -12.54 7.77
C LEU A 159 -1.77 -12.66 6.30
N LYS A 160 -1.20 -13.66 5.63
CA LYS A 160 -1.54 -13.91 4.23
C LYS A 160 -3.01 -14.27 4.09
N GLU A 161 -3.50 -15.10 5.00
CA GLU A 161 -4.91 -15.50 4.99
C GLU A 161 -5.82 -14.31 5.26
N LYS A 162 -5.40 -13.42 6.15
CA LYS A 162 -6.16 -12.22 6.44
C LYS A 162 -6.27 -11.35 5.20
N PHE A 163 -5.16 -11.21 4.48
CA PHE A 163 -5.12 -10.41 3.26
C PHE A 163 -5.98 -11.03 2.16
N THR A 164 -5.84 -12.34 1.97
CA THR A 164 -6.61 -13.03 0.96
C THR A 164 -8.11 -12.92 1.23
N ALA A 165 -8.51 -13.06 2.49
CA ALA A 165 -9.90 -12.94 2.86
C ALA A 165 -10.44 -11.54 2.61
N PHE A 166 -9.66 -10.53 2.93
CA PHE A 166 -10.06 -9.15 2.68
C PHE A 166 -10.21 -8.88 1.19
N CYS A 167 -9.24 -9.34 0.40
CA CYS A 167 -9.27 -9.11 -1.03
C CYS A 167 -10.48 -9.76 -1.70
N LYS A 168 -10.79 -10.98 -1.28
CA LYS A 168 -11.96 -11.69 -1.82
C LYS A 168 -13.26 -10.96 -1.49
N ALA A 169 -13.35 -10.42 -0.28
CA ALA A 169 -14.53 -9.68 0.14
C ALA A 169 -14.67 -8.37 -0.64
N GLN A 170 -13.55 -7.85 -1.13
CA GLN A 170 -13.55 -6.62 -1.91
C GLN A 170 -13.68 -6.90 -3.41
N GLY A 171 -13.92 -8.16 -3.76
CA GLY A 171 -14.23 -8.52 -5.13
C GLY A 171 -13.04 -8.79 -6.03
N PHE A 172 -11.85 -8.92 -5.44
CA PHE A 172 -10.67 -9.28 -6.23
C PHE A 172 -10.69 -10.77 -6.52
N THR A 173 -10.40 -11.12 -7.77
CA THR A 173 -10.27 -12.51 -8.16
C THR A 173 -9.04 -13.11 -7.52
N GLU A 174 -9.05 -14.42 -7.33
CA GLU A 174 -7.94 -15.09 -6.68
C GLU A 174 -6.64 -14.91 -7.43
N ASP A 175 -6.70 -14.94 -8.76
CA ASP A 175 -5.50 -14.79 -9.57
C ASP A 175 -4.83 -13.42 -9.39
N THR A 176 -5.59 -12.42 -8.95
CA THR A 176 -5.02 -11.08 -8.80
C THR A 176 -4.54 -10.79 -7.38
N ILE A 177 -4.58 -11.79 -6.51
CA ILE A 177 -4.10 -11.66 -5.14
C ILE A 177 -2.72 -12.29 -5.05
N VAL A 178 -1.68 -11.46 -5.01
CA VAL A 178 -0.32 -11.98 -5.08
C VAL A 178 0.56 -11.46 -3.97
N PHE A 179 1.65 -12.19 -3.72
CA PHE A 179 2.60 -11.78 -2.72
C PHE A 179 3.94 -11.43 -3.38
N LEU A 180 4.31 -10.16 -3.24
CA LEU A 180 5.39 -9.55 -4.01
C LEU A 180 6.77 -10.09 -3.67
N PRO A 181 7.64 -10.19 -4.68
CA PRO A 181 9.05 -10.53 -4.48
C PRO A 181 9.72 -9.49 -3.59
N GLN A 182 10.52 -9.96 -2.64
CA GLN A 182 11.21 -9.08 -1.71
C GLN A 182 12.72 -9.13 -1.92
N THR A 183 13.40 -8.06 -1.52
CA THR A 183 14.86 -8.04 -1.56
C THR A 183 15.41 -7.65 -0.19
N ASP A 184 16.56 -8.20 0.17
CA ASP A 184 17.21 -7.83 1.42
C ASP A 184 18.13 -6.61 1.26
N LYS A 185 18.26 -6.15 0.02
CA LYS A 185 19.09 -4.98 -0.28
C LYS A 185 18.36 -3.66 -0.02
N CYS A 186 19.08 -2.57 -0.25
CA CYS A 186 18.53 -1.21 -0.17
C CYS A 186 17.99 -0.84 1.21
N MET A 187 18.45 -1.50 2.25
CA MET A 187 17.82 -1.36 3.57
C MET A 187 18.19 -0.12 4.38
N THR A 188 19.37 0.45 4.14
CA THR A 188 19.81 1.65 4.86
C THR A 188 19.52 2.93 4.07
O40 PE3 B . 1.69 2.21 -6.49
C39 PE3 B . 0.62 2.16 -7.43
C38 PE3 B . 1.06 2.83 -8.73
O37 PE3 B . 2.10 2.07 -9.32
C36 PE3 B . 2.56 2.63 -10.55
C35 PE3 B . 3.21 1.52 -11.38
O34 PE3 B . 4.62 1.48 -11.21
C33 PE3 B . 5.02 1.19 -9.87
C32 PE3 B . 6.54 1.27 -9.74
O31 PE3 B . 6.89 1.50 -8.37
C30 PE3 B . 6.57 0.41 -7.52
C29 PE3 B . 6.57 0.84 -6.06
O28 PE3 B . 5.82 -0.10 -5.29
C27 PE3 B . 5.36 0.45 -4.05
C26 PE3 B . 4.70 -0.63 -3.21
O25 PE3 B . 3.55 -1.14 -3.89
C24 PE3 B . 2.59 -0.11 -4.15
C23 PE3 B . 1.78 0.11 -2.89
O22 PE3 B . 0.99 1.29 -2.99
C21 PE3 B . 0.53 1.64 -1.70
C20 PE3 B . -0.66 2.59 -1.81
O19 PE3 B . -0.19 3.92 -2.00
C18 PE3 B . -1.23 4.76 -2.49
C17 PE3 B . -1.50 4.42 -3.95
O16 PE3 B . -2.77 4.93 -4.31
C15 PE3 B . -2.77 5.52 -5.61
C14 PE3 B . -2.84 4.46 -6.70
O13 PE3 B . -1.64 4.45 -7.48
C12 PE3 B . -1.50 5.50 -8.44
C11 PE3 B . -1.54 4.87 -9.83
O10 PE3 B . -0.42 5.23 -10.64
C9 PE3 B . -0.44 4.56 -11.91
C8 PE3 B . -1.72 4.95 -12.62
O7 PE3 B . -2.10 4.03 -13.64
C6 PE3 B . -3.43 4.33 -14.06
C5 PE3 B . -3.45 5.73 -14.68
O4 PE3 B . -4.74 6.34 -14.57
C3 PE3 B . -5.84 5.49 -14.88
C2 PE3 B . -5.89 5.18 -16.37
O1 PE3 B . -5.14 6.12 -17.14
S SO4 C . 4.69 0.35 -21.19
O1 SO4 C . 4.24 -1.01 -21.45
O2 SO4 C . 4.82 1.08 -22.45
O3 SO4 C . 3.70 1.03 -20.34
O4 SO4 C . 5.99 0.32 -20.51
#